data_2D35
#
_entry.id   2D35
#
_entity_poly.entity_id   1
_entity_poly.type   'polypeptide(L)'
_entity_poly.pdbx_seq_one_letter_code
;TEPAPPEHAIKMDSFRDVWMLRGKYVAFVLMGESFLRSPAFTVPESAQRWANQIRQEGEVTE
;
_entity_poly.pdbx_strand_id   A
#
# COMPACT_ATOMS: atom_id res chain seq x y z
N THR A 1 3.98 -17.25 24.81
CA THR A 1 3.40 -17.24 23.44
C THR A 1 1.89 -17.06 23.48
N GLU A 2 1.43 -15.81 23.44
CA GLU A 2 0.01 -15.50 23.47
C GLU A 2 -0.56 -15.42 22.06
N PRO A 3 -1.89 -15.55 21.92
CA PRO A 3 -2.56 -15.48 20.62
C PRO A 3 -2.17 -14.23 19.83
N ALA A 4 -1.17 -14.38 18.97
CA ALA A 4 -0.70 -13.26 18.15
C ALA A 4 -1.65 -13.00 16.98
N PRO A 5 -2.21 -11.79 16.89
CA PRO A 5 -3.14 -11.43 15.81
C PRO A 5 -2.43 -11.30 14.46
N PRO A 6 -2.68 -12.24 13.53
CA PRO A 6 -2.06 -12.23 12.21
C PRO A 6 -2.60 -11.11 11.31
N GLU A 7 -3.60 -10.39 11.80
CA GLU A 7 -4.20 -9.30 11.05
C GLU A 7 -3.88 -7.95 11.69
N HIS A 8 -3.22 -7.07 10.93
CA HIS A 8 -2.86 -5.75 11.42
C HIS A 8 -2.21 -4.92 10.32
N ALA A 9 -0.94 -5.20 10.04
CA ALA A 9 -0.21 -4.48 9.01
C ALA A 9 0.10 -5.39 7.83
N ILE A 10 0.28 -4.78 6.65
CA ILE A 10 0.58 -5.54 5.45
C ILE A 10 1.80 -4.96 4.73
N LYS A 11 2.98 -5.48 5.08
CA LYS A 11 4.22 -5.00 4.47
C LYS A 11 4.51 -5.77 3.18
N MET A 12 4.07 -5.20 2.05
CA MET A 12 4.28 -5.83 0.76
C MET A 12 5.31 -5.04 -0.06
N ASP A 13 4.86 -3.94 -0.65
CA ASP A 13 5.73 -3.10 -1.47
C ASP A 13 6.61 -2.21 -0.59
N SER A 14 5.97 -1.49 0.33
CA SER A 14 6.70 -0.59 1.23
C SER A 14 5.77 -0.06 2.32
N PHE A 15 5.00 -0.95 2.93
CA PHE A 15 4.08 -0.57 3.99
C PHE A 15 4.56 -1.12 5.33
N ARG A 16 4.53 -0.27 6.36
CA ARG A 16 4.96 -0.68 7.69
C ARG A 16 4.42 0.28 8.75
N ASP A 17 3.70 -0.28 9.72
CA ASP A 17 3.14 0.53 10.81
C ASP A 17 4.23 0.93 11.80
N VAL A 18 3.82 1.50 12.93
CA VAL A 18 4.77 1.93 13.95
C VAL A 18 4.44 1.29 15.29
N TRP A 19 5.48 0.97 16.06
CA TRP A 19 5.29 0.36 17.37
C TRP A 19 4.99 1.41 18.43
N MET A 20 3.70 1.59 18.70
CA MET A 20 3.22 2.56 19.69
C MET A 20 1.74 2.83 19.49
N LEU A 21 1.40 3.48 18.38
CA LEU A 21 0.01 3.79 18.06
C LEU A 21 -0.07 4.61 16.76
N ARG A 22 0.75 4.24 15.79
CA ARG A 22 0.77 4.93 14.50
C ARG A 22 1.25 4.00 13.40
N GLY A 23 1.56 4.58 12.24
CA GLY A 23 2.03 3.78 11.12
C GLY A 23 1.89 4.50 9.78
N LYS A 24 2.98 4.53 9.03
CA LYS A 24 2.98 5.18 7.71
C LYS A 24 2.85 4.15 6.61
N TYR A 25 2.21 4.53 5.51
CA TYR A 25 2.02 3.61 4.38
C TYR A 25 2.00 4.38 3.06
N VAL A 26 3.03 4.16 2.25
CA VAL A 26 3.14 4.80 0.95
C VAL A 26 3.54 3.80 -0.12
N ALA A 27 2.80 3.76 -1.22
CA ALA A 27 3.09 2.83 -2.31
C ALA A 27 3.55 3.55 -3.57
N PHE A 28 4.34 2.86 -4.38
CA PHE A 28 4.86 3.42 -5.62
C PHE A 28 4.73 2.40 -6.75
N VAL A 29 4.10 2.81 -7.85
CA VAL A 29 3.91 1.94 -9.00
C VAL A 29 4.15 2.67 -10.31
N LEU A 30 5.17 2.24 -11.04
CA LEU A 30 5.51 2.86 -12.32
C LEU A 30 5.32 1.87 -13.47
N MET A 31 4.61 2.31 -14.51
CA MET A 31 4.36 1.46 -15.67
C MET A 31 5.09 2.00 -16.90
N GLY A 32 4.72 1.49 -18.07
CA GLY A 32 5.35 1.93 -19.30
C GLY A 32 4.58 3.05 -19.98
N GLU A 33 3.87 3.85 -19.19
CA GLU A 33 3.09 4.96 -19.72
C GLU A 33 2.75 5.95 -18.61
N SER A 34 2.05 5.46 -17.59
CA SER A 34 1.66 6.31 -16.46
C SER A 34 2.03 5.65 -15.13
N PHE A 35 2.01 6.45 -14.06
CA PHE A 35 2.35 5.94 -12.73
C PHE A 35 1.64 6.74 -11.65
N LEU A 36 1.23 6.06 -10.59
CA LEU A 36 0.54 6.71 -9.48
C LEU A 36 1.43 6.72 -8.23
N ARG A 37 1.35 7.80 -7.46
CA ARG A 37 2.14 7.93 -6.25
C ARG A 37 1.31 8.52 -5.11
N SER A 38 0.92 7.68 -4.16
CA SER A 38 0.13 8.12 -3.02
C SER A 38 1.02 8.38 -1.81
N PRO A 39 0.81 9.50 -1.10
CA PRO A 39 1.60 9.85 0.08
C PRO A 39 1.40 8.88 1.23
N ALA A 40 2.29 8.93 2.21
CA ALA A 40 2.21 8.05 3.37
C ALA A 40 0.88 8.24 4.11
N PHE A 41 0.08 7.17 4.15
CA PHE A 41 -1.21 7.22 4.82
C PHE A 41 -1.09 6.74 6.27
N THR A 42 -2.24 6.56 6.92
CA THR A 42 -2.28 6.10 8.30
C THR A 42 -3.01 4.77 8.44
N VAL A 43 -3.17 4.07 7.33
CA VAL A 43 -3.85 2.78 7.34
C VAL A 43 -3.14 1.78 6.42
N PRO A 44 -2.77 0.59 6.95
CA PRO A 44 -2.09 -0.43 6.17
C PRO A 44 -3.02 -1.15 5.20
N GLU A 45 -4.31 -1.16 5.51
CA GLU A 45 -5.30 -1.80 4.67
C GLU A 45 -5.39 -1.10 3.30
N SER A 46 -5.75 0.18 3.33
CA SER A 46 -5.88 0.95 2.10
C SER A 46 -4.57 0.95 1.31
N ALA A 47 -3.46 0.76 2.00
CA ALA A 47 -2.14 0.74 1.37
C ALA A 47 -2.08 -0.32 0.27
N GLN A 48 -2.26 -1.58 0.66
CA GLN A 48 -2.22 -2.68 -0.29
C GLN A 48 -3.31 -2.54 -1.34
N ARG A 49 -4.42 -1.90 -0.96
CA ARG A 49 -5.55 -1.70 -1.86
C ARG A 49 -5.19 -0.69 -2.96
N TRP A 50 -4.38 0.30 -2.60
CA TRP A 50 -3.97 1.33 -3.56
C TRP A 50 -3.01 0.76 -4.59
N ALA A 51 -1.92 0.16 -4.12
CA ALA A 51 -0.92 -0.43 -5.02
C ALA A 51 -1.54 -1.50 -5.90
N ASN A 52 -2.38 -2.34 -5.30
CA ASN A 52 -3.04 -3.42 -6.04
C ASN A 52 -3.95 -2.86 -7.12
N GLN A 53 -4.67 -1.79 -6.79
CA GLN A 53 -5.59 -1.17 -7.74
C GLN A 53 -4.87 -0.78 -9.03
N ILE A 54 -3.70 -0.17 -8.89
CA ILE A 54 -2.92 0.24 -10.03
C ILE A 54 -2.25 -0.95 -10.72
N ARG A 55 -1.68 -1.85 -9.91
CA ARG A 55 -1.02 -3.03 -10.44
C ARG A 55 -1.97 -3.88 -11.27
N GLN A 56 -3.16 -4.13 -10.74
CA GLN A 56 -4.16 -4.93 -11.44
C GLN A 56 -4.46 -4.36 -12.81
N GLU A 57 -4.31 -3.04 -12.96
CA GLU A 57 -4.56 -2.37 -14.23
C GLU A 57 -3.35 -2.48 -15.14
N GLY A 58 -2.16 -2.53 -14.55
CA GLY A 58 -0.94 -2.62 -15.34
C GLY A 58 -0.51 -4.06 -15.55
N GLU A 59 -1.05 -4.70 -16.58
CA GLU A 59 -0.71 -6.08 -16.89
C GLU A 59 0.69 -6.18 -17.48
N VAL A 60 1.68 -6.33 -16.61
CA VAL A 60 3.07 -6.44 -17.05
C VAL A 60 3.28 -7.69 -17.91
N THR A 61 3.65 -7.47 -19.17
CA THR A 61 3.88 -8.57 -20.09
C THR A 61 4.99 -8.23 -21.08
N GLU A 62 5.91 -7.37 -20.66
CA GLU A 62 7.02 -6.97 -21.51
C GLU A 62 6.52 -6.35 -22.81
N THR A 1 -8.30 -19.74 -3.94
CA THR A 1 -8.09 -18.78 -2.81
C THR A 1 -8.13 -19.48 -1.47
N GLU A 2 -7.32 -20.54 -1.32
CA GLU A 2 -7.27 -21.30 -0.08
C GLU A 2 -6.53 -20.52 1.01
N PRO A 3 -5.25 -20.16 0.76
CA PRO A 3 -4.44 -19.43 1.72
C PRO A 3 -4.82 -17.94 1.79
N ALA A 4 -5.05 -17.45 3.00
CA ALA A 4 -5.42 -16.05 3.19
C ALA A 4 -5.26 -15.64 4.65
N PRO A 5 -4.08 -15.89 5.24
CA PRO A 5 -3.81 -15.54 6.64
C PRO A 5 -3.51 -14.05 6.83
N PRO A 6 -4.44 -13.31 7.47
CA PRO A 6 -4.28 -11.87 7.71
C PRO A 6 -3.21 -11.58 8.75
N GLU A 7 -2.86 -10.31 8.90
CA GLU A 7 -1.85 -9.90 9.85
C GLU A 7 -2.09 -8.47 10.33
N HIS A 8 -1.42 -8.09 11.42
CA HIS A 8 -1.58 -6.76 11.98
C HIS A 8 -1.19 -5.69 10.97
N ALA A 9 -0.01 -5.84 10.39
CA ALA A 9 0.47 -4.89 9.40
C ALA A 9 0.54 -5.52 8.01
N ILE A 10 0.25 -4.72 6.99
CA ILE A 10 0.27 -5.20 5.62
C ILE A 10 1.46 -4.61 4.85
N LYS A 11 2.55 -5.37 4.80
CA LYS A 11 3.75 -4.91 4.09
C LYS A 11 3.78 -5.43 2.66
N MET A 12 3.25 -4.64 1.74
CA MET A 12 3.23 -5.01 0.33
C MET A 12 4.20 -4.14 -0.46
N ASP A 13 3.79 -2.92 -0.75
CA ASP A 13 4.64 -1.98 -1.49
C ASP A 13 5.66 -1.35 -0.56
N SER A 14 5.21 -0.93 0.62
CA SER A 14 6.08 -0.32 1.62
C SER A 14 5.28 0.17 2.82
N PHE A 15 4.38 -0.67 3.31
CA PHE A 15 3.55 -0.32 4.46
C PHE A 15 3.86 -1.21 5.66
N ARG A 16 4.26 -0.61 6.76
CA ARG A 16 4.57 -1.35 7.98
C ARG A 16 4.54 -0.44 9.21
N ASP A 17 3.63 -0.73 10.12
CA ASP A 17 3.51 0.05 11.35
C ASP A 17 4.29 -0.58 12.49
N VAL A 18 5.19 0.19 13.10
CA VAL A 18 5.99 -0.31 14.20
C VAL A 18 5.95 0.63 15.40
N TRP A 19 5.95 0.06 16.59
CA TRP A 19 5.91 0.86 17.82
C TRP A 19 7.31 1.34 18.18
N MET A 20 7.61 2.58 17.78
CA MET A 20 8.91 3.19 18.04
C MET A 20 9.12 4.40 17.13
N LEU A 21 9.28 4.14 15.84
CA LEU A 21 9.48 5.20 14.85
C LEU A 21 9.70 4.62 13.47
N ARG A 22 8.96 3.57 13.14
CA ARG A 22 9.09 2.92 11.84
C ARG A 22 7.71 2.56 11.29
N GLY A 23 6.72 3.37 11.64
CA GLY A 23 5.37 3.13 11.17
C GLY A 23 4.90 4.16 10.16
N LYS A 24 4.64 3.69 8.94
CA LYS A 24 4.18 4.58 7.87
C LYS A 24 3.56 3.76 6.73
N TYR A 25 2.54 4.32 6.10
CA TYR A 25 1.87 3.64 5.00
C TYR A 25 1.96 4.46 3.72
N VAL A 26 2.73 3.96 2.75
CA VAL A 26 2.90 4.65 1.47
C VAL A 26 3.22 3.65 0.37
N ALA A 27 2.61 3.86 -0.80
CA ALA A 27 2.84 2.97 -1.94
C ALA A 27 3.37 3.73 -3.15
N PHE A 28 4.48 3.26 -3.70
CA PHE A 28 5.09 3.88 -4.86
C PHE A 28 5.11 2.92 -6.04
N VAL A 29 4.18 3.11 -6.98
CA VAL A 29 4.09 2.26 -8.15
C VAL A 29 4.45 3.02 -9.42
N LEU A 30 5.31 2.42 -10.24
CA LEU A 30 5.74 3.04 -11.49
C LEU A 30 5.60 2.06 -12.66
N MET A 31 5.14 2.56 -13.79
CA MET A 31 4.96 1.73 -14.98
C MET A 31 5.65 2.35 -16.19
N GLY A 32 5.41 1.78 -17.36
CA GLY A 32 6.02 2.29 -18.57
C GLY A 32 5.28 3.48 -19.14
N GLU A 33 3.97 3.54 -18.90
CA GLU A 33 3.14 4.63 -19.39
C GLU A 33 2.29 5.21 -18.26
N SER A 34 2.78 6.26 -17.61
CA SER A 34 2.05 6.89 -16.53
C SER A 34 1.84 5.93 -15.37
N PHE A 35 1.81 6.46 -14.15
CA PHE A 35 1.62 5.64 -12.96
C PHE A 35 0.77 6.37 -11.93
N LEU A 36 0.57 5.75 -10.78
CA LEU A 36 -0.23 6.35 -9.71
C LEU A 36 0.63 6.62 -8.48
N ARG A 37 0.56 7.87 -7.99
CA ARG A 37 1.33 8.26 -6.81
C ARG A 37 0.41 8.48 -5.61
N SER A 38 0.79 7.89 -4.48
CA SER A 38 0.00 8.01 -3.26
C SER A 38 0.89 8.29 -2.05
N PRO A 39 0.90 9.55 -1.56
CA PRO A 39 1.72 9.93 -0.41
C PRO A 39 1.51 9.01 0.79
N ALA A 40 2.15 9.34 1.91
CA ALA A 40 2.03 8.54 3.13
C ALA A 40 0.70 8.82 3.83
N PHE A 41 0.13 7.78 4.41
CA PHE A 41 -1.14 7.92 5.13
C PHE A 41 -1.11 7.14 6.45
N THR A 42 -2.27 7.03 7.08
CA THR A 42 -2.38 6.32 8.35
C THR A 42 -3.33 5.13 8.24
N VAL A 43 -3.37 4.52 7.07
CA VAL A 43 -4.22 3.37 6.82
C VAL A 43 -3.55 2.35 5.91
N PRO A 44 -3.12 1.20 6.45
CA PRO A 44 -2.47 0.15 5.67
C PRO A 44 -3.45 -0.67 4.84
N GLU A 45 -4.74 -0.51 5.11
CA GLU A 45 -5.77 -1.24 4.38
C GLU A 45 -5.80 -0.82 2.92
N SER A 46 -6.13 0.44 2.67
CA SER A 46 -6.20 0.96 1.31
C SER A 46 -4.85 0.84 0.60
N ALA A 47 -3.78 0.74 1.39
CA ALA A 47 -2.43 0.62 0.85
C ALA A 47 -2.32 -0.57 -0.10
N GLN A 48 -2.61 -1.76 0.42
CA GLN A 48 -2.54 -2.98 -0.37
C GLN A 48 -3.52 -2.93 -1.54
N ARG A 49 -4.68 -2.34 -1.32
CA ARG A 49 -5.70 -2.24 -2.36
C ARG A 49 -5.36 -1.14 -3.37
N TRP A 50 -4.51 -0.20 -2.96
CA TRP A 50 -4.12 0.90 -3.83
C TRP A 50 -3.01 0.46 -4.79
N ALA A 51 -1.91 -0.04 -4.23
CA ALA A 51 -0.78 -0.50 -5.03
C ALA A 51 -1.15 -1.72 -5.86
N ASN A 52 -1.83 -2.67 -5.25
CA ASN A 52 -2.24 -3.90 -5.93
C ASN A 52 -3.09 -3.58 -7.17
N GLN A 53 -3.96 -2.59 -7.04
CA GLN A 53 -4.83 -2.19 -8.14
C GLN A 53 -4.01 -1.76 -9.35
N ILE A 54 -3.08 -0.83 -9.14
CA ILE A 54 -2.24 -0.33 -10.21
C ILE A 54 -1.44 -1.47 -10.86
N ARG A 55 -0.87 -2.34 -10.04
CA ARG A 55 -0.09 -3.46 -10.54
C ARG A 55 -0.90 -4.32 -11.50
N GLN A 56 -2.18 -4.52 -11.20
CA GLN A 56 -3.06 -5.31 -12.05
C GLN A 56 -3.66 -4.46 -13.16
N GLU A 57 -3.89 -3.19 -12.86
CA GLU A 57 -4.46 -2.26 -13.84
C GLU A 57 -3.48 -1.98 -14.97
N GLY A 58 -2.19 -2.13 -14.69
CA GLY A 58 -1.18 -1.89 -15.70
C GLY A 58 -1.39 -2.72 -16.95
N GLU A 59 -1.69 -4.00 -16.77
CA GLU A 59 -1.92 -4.91 -17.89
C GLU A 59 -2.37 -6.28 -17.40
N VAL A 60 -3.68 -6.53 -17.50
CA VAL A 60 -4.24 -7.80 -17.07
C VAL A 60 -3.76 -8.94 -17.96
N THR A 61 -3.20 -9.97 -17.34
CA THR A 61 -2.70 -11.12 -18.08
C THR A 61 -3.16 -12.43 -17.44
N GLU A 62 -3.01 -13.53 -18.17
CA GLU A 62 -3.41 -14.84 -17.68
C GLU A 62 -4.92 -14.87 -17.38
N THR A 1 5.41 -14.89 23.27
CA THR A 1 4.27 -15.66 22.71
C THR A 1 3.13 -14.75 22.30
N GLU A 2 2.83 -14.71 21.00
CA GLU A 2 1.75 -13.88 20.49
C GLU A 2 1.52 -14.14 19.01
N PRO A 3 0.85 -15.26 18.68
CA PRO A 3 0.57 -15.62 17.29
C PRO A 3 -0.13 -14.50 16.52
N ALA A 4 0.62 -13.84 15.64
CA ALA A 4 0.07 -12.75 14.84
C ALA A 4 -0.43 -11.62 15.74
N PRO A 5 0.26 -10.47 15.74
CA PRO A 5 -0.12 -9.32 16.56
C PRO A 5 -1.42 -8.68 16.09
N PRO A 6 -2.10 -7.91 16.97
CA PRO A 6 -3.37 -7.25 16.63
C PRO A 6 -3.25 -6.42 15.35
N GLU A 7 -4.41 -6.03 14.81
CA GLU A 7 -4.45 -5.24 13.58
C GLU A 7 -4.00 -6.06 12.39
N HIS A 8 -2.73 -6.47 12.39
CA HIS A 8 -2.17 -7.26 11.31
C HIS A 8 -1.94 -6.41 10.06
N ALA A 9 -0.80 -5.72 10.02
CA ALA A 9 -0.46 -4.87 8.89
C ALA A 9 -0.13 -5.70 7.66
N ILE A 10 0.19 -5.03 6.56
CA ILE A 10 0.54 -5.72 5.32
C ILE A 10 1.79 -5.13 4.70
N LYS A 11 2.95 -5.69 5.06
CA LYS A 11 4.22 -5.21 4.54
C LYS A 11 4.59 -5.92 3.24
N MET A 12 4.21 -5.31 2.11
CA MET A 12 4.51 -5.88 0.81
C MET A 12 5.57 -5.05 0.09
N ASP A 13 5.14 -3.94 -0.50
CA ASP A 13 6.06 -3.06 -1.21
C ASP A 13 6.84 -2.17 -0.24
N SER A 14 6.11 -1.48 0.63
CA SER A 14 6.73 -0.60 1.62
C SER A 14 5.69 -0.11 2.62
N PHE A 15 4.91 -1.04 3.17
CA PHE A 15 3.88 -0.70 4.14
C PHE A 15 4.18 -1.34 5.50
N ARG A 16 4.32 -0.51 6.53
CA ARG A 16 4.60 -1.00 7.87
C ARG A 16 4.29 0.04 8.94
N ASP A 17 3.37 -0.30 9.84
CA ASP A 17 3.00 0.61 10.93
C ASP A 17 3.41 0.03 12.27
N VAL A 18 4.10 0.84 13.09
CA VAL A 18 4.56 0.38 14.39
C VAL A 18 4.29 1.44 15.46
N TRP A 19 4.08 0.99 16.69
CA TRP A 19 3.82 1.89 17.80
C TRP A 19 5.12 2.45 18.36
N MET A 20 5.49 3.64 17.89
CA MET A 20 6.71 4.31 18.33
C MET A 20 7.03 5.47 17.39
N LEU A 21 7.21 5.15 16.12
CA LEU A 21 7.51 6.17 15.11
C LEU A 21 7.74 5.54 13.75
N ARG A 22 6.94 4.52 13.42
CA ARG A 22 7.04 3.84 12.15
C ARG A 22 5.68 3.74 11.47
N GLY A 23 4.72 4.52 11.95
CA GLY A 23 3.38 4.51 11.38
C GLY A 23 3.30 5.33 10.10
N LYS A 24 3.44 4.64 8.96
CA LYS A 24 3.39 5.31 7.67
C LYS A 24 3.06 4.29 6.57
N TYR A 25 2.34 4.74 5.55
CA TYR A 25 1.97 3.88 4.44
C TYR A 25 2.00 4.62 3.12
N VAL A 26 2.96 4.26 2.28
CA VAL A 26 3.10 4.91 0.97
C VAL A 26 3.41 3.87 -0.10
N ALA A 27 2.67 3.93 -1.20
CA ALA A 27 2.85 3.00 -2.31
C ALA A 27 3.51 3.67 -3.51
N PHE A 28 4.37 2.92 -4.20
CA PHE A 28 5.06 3.43 -5.38
C PHE A 28 4.90 2.47 -6.56
N VAL A 29 4.01 2.82 -7.48
CA VAL A 29 3.76 1.98 -8.65
C VAL A 29 4.35 2.60 -9.90
N LEU A 30 5.34 1.91 -10.47
CA LEU A 30 6.00 2.39 -11.68
C LEU A 30 5.13 2.15 -12.91
N MET A 31 5.09 3.12 -13.81
CA MET A 31 4.29 3.02 -15.03
C MET A 31 5.06 3.58 -16.23
N GLY A 32 6.37 3.38 -16.22
CA GLY A 32 7.19 3.87 -17.31
C GLY A 32 7.52 5.35 -17.17
N GLU A 33 6.93 6.17 -18.03
CA GLU A 33 7.16 7.61 -17.99
C GLU A 33 6.42 8.25 -16.82
N SER A 34 5.27 7.68 -16.47
CA SER A 34 4.46 8.20 -15.38
C SER A 34 4.32 7.15 -14.28
N PHE A 35 3.55 7.49 -13.25
CA PHE A 35 3.34 6.58 -12.12
C PHE A 35 2.36 7.18 -11.13
N LEU A 36 1.41 6.36 -10.66
CA LEU A 36 0.41 6.81 -9.70
C LEU A 36 1.07 7.13 -8.36
N ARG A 37 0.93 8.39 -7.93
CA ARG A 37 1.51 8.83 -6.66
C ARG A 37 0.59 8.49 -5.50
N SER A 38 1.17 7.94 -4.44
CA SER A 38 0.42 7.56 -3.25
C SER A 38 1.04 8.18 -2.00
N PRO A 39 0.49 9.31 -1.52
CA PRO A 39 1.01 10.00 -0.33
C PRO A 39 0.97 9.11 0.91
N ALA A 40 1.94 9.29 1.79
CA ALA A 40 2.03 8.50 3.02
C ALA A 40 0.75 8.62 3.84
N PHE A 41 0.19 7.48 4.23
CA PHE A 41 -1.03 7.46 5.02
C PHE A 41 -0.83 6.73 6.34
N THR A 42 -1.92 6.45 7.05
CA THR A 42 -1.86 5.76 8.33
C THR A 42 -2.77 4.53 8.35
N VAL A 43 -3.09 4.01 7.16
CA VAL A 43 -3.95 2.84 7.04
C VAL A 43 -3.24 1.72 6.27
N PRO A 44 -3.16 0.51 6.86
CA PRO A 44 -2.51 -0.63 6.23
C PRO A 44 -3.41 -1.31 5.20
N GLU A 45 -4.73 -1.17 5.37
CA GLU A 45 -5.69 -1.77 4.46
C GLU A 45 -5.65 -1.10 3.09
N SER A 46 -5.96 0.19 3.06
CA SER A 46 -5.97 0.95 1.82
C SER A 46 -4.61 0.89 1.13
N ALA A 47 -3.56 0.62 1.90
CA ALA A 47 -2.20 0.54 1.36
C ALA A 47 -2.12 -0.51 0.26
N GLN A 48 -2.51 -1.74 0.58
CA GLN A 48 -2.47 -2.83 -0.38
C GLN A 48 -3.51 -2.63 -1.49
N ARG A 49 -4.62 -2.00 -1.14
CA ARG A 49 -5.69 -1.74 -2.11
C ARG A 49 -5.36 -0.55 -3.01
N TRP A 50 -4.45 0.30 -2.54
CA TRP A 50 -4.05 1.48 -3.31
C TRP A 50 -3.06 1.12 -4.41
N ALA A 51 -2.09 0.29 -4.08
CA ALA A 51 -1.07 -0.14 -5.04
C ALA A 51 -1.57 -1.30 -5.90
N ASN A 52 -2.33 -2.20 -5.30
CA ASN A 52 -2.86 -3.36 -6.01
C ASN A 52 -3.77 -2.92 -7.17
N GLN A 53 -4.60 -1.92 -6.91
CA GLN A 53 -5.53 -1.43 -7.93
C GLN A 53 -4.77 -0.93 -9.17
N ILE A 54 -3.55 -0.44 -8.95
CA ILE A 54 -2.73 0.06 -10.03
C ILE A 54 -2.30 -1.05 -10.97
N ARG A 55 -1.58 -2.03 -10.42
CA ARG A 55 -1.10 -3.16 -11.20
C ARG A 55 -2.20 -3.78 -12.05
N GLN A 56 -3.44 -3.64 -11.60
CA GLN A 56 -4.58 -4.19 -12.32
C GLN A 56 -5.02 -3.26 -13.45
N GLU A 57 -5.36 -2.03 -13.10
CA GLU A 57 -5.81 -1.05 -14.09
C GLU A 57 -4.68 -0.68 -15.05
N GLY A 58 -3.48 -0.51 -14.50
CA GLY A 58 -2.33 -0.16 -15.32
C GLY A 58 -1.86 -1.30 -16.19
N GLU A 59 -0.56 -1.34 -16.46
CA GLU A 59 0.01 -2.39 -17.30
C GLU A 59 -0.55 -2.32 -18.72
N VAL A 60 0.05 -1.47 -19.55
CA VAL A 60 -0.39 -1.31 -20.92
C VAL A 60 0.58 -1.99 -21.89
N THR A 61 0.23 -1.98 -23.17
CA THR A 61 1.06 -2.60 -24.20
C THR A 61 0.64 -2.16 -25.59
N GLU A 62 -0.66 -2.23 -25.85
CA GLU A 62 -1.20 -1.84 -27.15
C GLU A 62 -1.17 -0.33 -27.32
N THR A 1 -2.31 -19.62 -2.80
CA THR A 1 -2.64 -18.61 -1.76
C THR A 1 -3.08 -19.28 -0.46
N GLU A 2 -2.40 -18.94 0.64
CA GLU A 2 -2.73 -19.52 1.93
C GLU A 2 -2.67 -18.44 3.02
N PRO A 3 -3.83 -17.86 3.40
CA PRO A 3 -3.89 -16.83 4.44
C PRO A 3 -3.56 -17.38 5.82
N ALA A 4 -3.45 -16.48 6.80
CA ALA A 4 -3.15 -16.88 8.17
C ALA A 4 -3.40 -15.73 9.14
N PRO A 5 -2.64 -14.62 9.03
CA PRO A 5 -2.79 -13.46 9.91
C PRO A 5 -4.00 -12.60 9.54
N PRO A 6 -5.04 -12.58 10.39
CA PRO A 6 -6.25 -11.80 10.15
C PRO A 6 -6.14 -10.37 10.66
N GLU A 7 -4.97 -10.00 11.16
CA GLU A 7 -4.75 -8.66 11.68
C GLU A 7 -3.34 -8.17 11.35
N HIS A 8 -2.90 -7.13 12.05
CA HIS A 8 -1.56 -6.56 11.83
C HIS A 8 -1.49 -5.86 10.47
N ALA A 9 -0.54 -4.93 10.35
CA ALA A 9 -0.36 -4.19 9.11
C ALA A 9 -0.04 -5.13 7.95
N ILE A 10 0.14 -4.55 6.76
CA ILE A 10 0.46 -5.34 5.57
C ILE A 10 1.66 -4.75 4.83
N LYS A 11 2.83 -5.32 5.04
CA LYS A 11 4.04 -4.85 4.39
C LYS A 11 4.18 -5.46 3.01
N MET A 12 3.69 -4.76 2.00
CA MET A 12 3.75 -5.23 0.61
C MET A 12 4.73 -4.39 -0.20
N ASP A 13 4.30 -3.20 -0.58
CA ASP A 13 5.14 -2.29 -1.36
C ASP A 13 6.14 -1.57 -0.46
N SER A 14 5.62 -0.92 0.59
CA SER A 14 6.47 -0.19 1.52
C SER A 14 5.68 0.25 2.74
N PHE A 15 4.73 -0.58 3.15
CA PHE A 15 3.90 -0.28 4.32
C PHE A 15 4.41 -1.02 5.55
N ARG A 16 4.56 -0.30 6.65
CA ARG A 16 5.04 -0.89 7.89
C ARG A 16 4.69 -0.02 9.09
N ASP A 17 3.93 -0.59 10.04
CA ASP A 17 3.55 0.13 11.24
C ASP A 17 4.56 -0.10 12.35
N VAL A 18 4.77 0.92 13.20
CA VAL A 18 5.71 0.80 14.30
C VAL A 18 5.00 0.83 15.64
N TRP A 19 5.58 0.16 16.62
CA TRP A 19 5.01 0.10 17.96
C TRP A 19 5.38 1.36 18.75
N MET A 20 4.38 2.21 18.97
CA MET A 20 4.58 3.47 19.70
C MET A 20 5.15 4.54 18.76
N LEU A 21 5.01 4.32 17.46
CA LEU A 21 5.50 5.26 16.47
C LEU A 21 4.46 5.49 15.36
N ARG A 22 3.25 4.97 15.56
CA ARG A 22 2.18 5.13 14.58
C ARG A 22 2.45 4.31 13.33
N GLY A 23 3.53 4.64 12.62
CA GLY A 23 3.87 3.92 11.42
C GLY A 23 3.38 4.63 10.16
N LYS A 24 4.15 4.54 9.09
CA LYS A 24 3.79 5.17 7.83
C LYS A 24 3.45 4.13 6.77
N TYR A 25 2.52 4.48 5.88
CA TYR A 25 2.11 3.57 4.82
C TYR A 25 2.06 4.28 3.48
N VAL A 26 2.99 3.91 2.59
CA VAL A 26 3.05 4.52 1.26
C VAL A 26 3.38 3.47 0.20
N ALA A 27 2.72 3.56 -0.95
CA ALA A 27 2.94 2.62 -2.04
C ALA A 27 3.54 3.31 -3.26
N PHE A 28 4.49 2.64 -3.89
CA PHE A 28 5.16 3.18 -5.07
C PHE A 28 4.91 2.28 -6.29
N VAL A 29 3.99 2.70 -7.16
CA VAL A 29 3.67 1.94 -8.35
C VAL A 29 4.20 2.62 -9.61
N LEU A 30 4.47 1.81 -10.63
CA LEU A 30 4.99 2.34 -11.90
C LEU A 30 4.05 1.99 -13.05
N MET A 31 3.45 3.00 -13.66
CA MET A 31 2.54 2.79 -14.77
C MET A 31 3.15 3.29 -16.08
N GLY A 32 4.46 3.09 -16.23
CA GLY A 32 5.14 3.52 -17.43
C GLY A 32 5.44 5.01 -17.43
N GLU A 33 4.53 5.80 -17.99
CA GLU A 33 4.71 7.25 -18.05
C GLU A 33 3.78 7.94 -17.05
N SER A 34 2.62 7.36 -16.82
CA SER A 34 1.65 7.93 -15.89
C SER A 34 2.18 7.91 -14.47
N PHE A 35 2.34 6.70 -13.92
CA PHE A 35 2.85 6.54 -12.55
C PHE A 35 1.90 7.16 -11.54
N LEU A 36 1.44 6.35 -10.59
CA LEU A 36 0.52 6.81 -9.57
C LEU A 36 1.19 6.82 -8.19
N ARG A 37 1.63 7.99 -7.76
CA ARG A 37 2.29 8.13 -6.47
C ARG A 37 1.29 8.47 -5.38
N SER A 38 1.20 7.61 -4.37
CA SER A 38 0.27 7.82 -3.27
C SER A 38 1.03 8.21 -1.99
N PRO A 39 0.80 9.43 -1.48
CA PRO A 39 1.47 9.90 -0.26
C PRO A 39 1.32 8.93 0.90
N ALA A 40 2.07 9.17 1.96
CA ALA A 40 2.03 8.31 3.14
C ALA A 40 0.71 8.45 3.88
N PHE A 41 -0.01 7.34 4.03
CA PHE A 41 -1.30 7.35 4.72
C PHE A 41 -1.18 6.71 6.10
N THR A 42 -2.31 6.58 6.79
CA THR A 42 -2.34 5.99 8.12
C THR A 42 -3.19 4.73 8.14
N VAL A 43 -3.25 4.04 7.00
CA VAL A 43 -4.02 2.81 6.89
C VAL A 43 -3.31 1.79 5.99
N PRO A 44 -2.74 0.73 6.58
CA PRO A 44 -2.02 -0.30 5.83
C PRO A 44 -2.98 -1.17 5.00
N GLU A 45 -4.26 -1.13 5.33
CA GLU A 45 -5.26 -1.91 4.62
C GLU A 45 -5.47 -1.38 3.21
N SER A 46 -5.97 -0.15 3.12
CA SER A 46 -6.21 0.49 1.82
C SER A 46 -4.93 0.57 1.01
N ALA A 47 -3.78 0.56 1.69
CA ALA A 47 -2.49 0.64 1.03
C ALA A 47 -2.33 -0.46 -0.01
N GLN A 48 -2.50 -1.71 0.42
CA GLN A 48 -2.38 -2.86 -0.47
C GLN A 48 -3.36 -2.74 -1.64
N ARG A 49 -4.62 -2.51 -1.32
CA ARG A 49 -5.65 -2.39 -2.35
C ARG A 49 -5.33 -1.24 -3.31
N TRP A 50 -4.67 -0.22 -2.82
CA TRP A 50 -4.31 0.94 -3.64
C TRP A 50 -3.20 0.57 -4.63
N ALA A 51 -2.09 0.09 -4.10
CA ALA A 51 -0.96 -0.30 -4.93
C ALA A 51 -1.32 -1.41 -5.90
N ASN A 52 -2.32 -2.22 -5.53
CA ASN A 52 -2.76 -3.32 -6.37
C ASN A 52 -3.58 -2.82 -7.55
N GLN A 53 -4.46 -1.86 -7.29
CA GLN A 53 -5.31 -1.28 -8.32
C GLN A 53 -4.47 -0.74 -9.48
N ILE A 54 -3.44 0.02 -9.15
CA ILE A 54 -2.56 0.60 -10.14
C ILE A 54 -1.79 -0.48 -10.90
N ARG A 55 -1.26 -1.45 -10.15
CA ARG A 55 -0.49 -2.54 -10.75
C ARG A 55 -1.35 -3.32 -11.75
N GLN A 56 -2.65 -3.40 -11.47
CA GLN A 56 -3.57 -4.13 -12.34
C GLN A 56 -3.64 -3.48 -13.72
N GLU A 57 -3.42 -2.16 -13.76
CA GLU A 57 -3.47 -1.43 -15.02
C GLU A 57 -2.06 -1.10 -15.51
N GLY A 58 -1.11 -1.03 -14.59
CA GLY A 58 0.26 -0.73 -14.95
C GLY A 58 1.06 -1.98 -15.30
N GLU A 59 0.51 -2.80 -16.19
CA GLU A 59 1.18 -4.03 -16.61
C GLU A 59 0.32 -4.81 -17.60
N VAL A 60 0.96 -5.57 -18.48
CA VAL A 60 0.25 -6.36 -19.47
C VAL A 60 -0.44 -7.56 -18.82
N THR A 61 -1.76 -7.57 -18.88
CA THR A 61 -2.54 -8.66 -18.30
C THR A 61 -3.00 -9.64 -19.38
N GLU A 62 -3.18 -9.14 -20.59
CA GLU A 62 -3.62 -9.97 -21.70
C GLU A 62 -2.55 -10.03 -22.79
N THR A 1 -13.04 -15.13 -4.55
CA THR A 1 -13.96 -13.98 -4.67
C THR A 1 -14.14 -13.26 -3.33
N GLU A 2 -14.50 -14.03 -2.31
CA GLU A 2 -14.71 -13.46 -0.97
C GLU A 2 -13.42 -12.83 -0.44
N PRO A 3 -13.50 -11.61 0.11
CA PRO A 3 -12.33 -10.91 0.64
C PRO A 3 -11.89 -11.47 1.99
N ALA A 4 -12.86 -11.85 2.81
CA ALA A 4 -12.56 -12.42 4.13
C ALA A 4 -11.82 -11.40 5.01
N PRO A 5 -11.78 -11.64 6.32
CA PRO A 5 -11.11 -10.74 7.28
C PRO A 5 -9.67 -10.43 6.84
N PRO A 6 -9.40 -9.16 6.48
CA PRO A 6 -8.06 -8.74 6.05
C PRO A 6 -7.05 -8.77 7.20
N GLU A 7 -5.81 -8.42 6.90
CA GLU A 7 -4.75 -8.41 7.91
C GLU A 7 -4.51 -7.00 8.44
N HIS A 8 -3.82 -6.91 9.57
CA HIS A 8 -3.52 -5.61 10.18
C HIS A 8 -2.32 -4.97 9.51
N ALA A 9 -1.18 -5.65 9.54
CA ALA A 9 0.04 -5.15 8.94
C ALA A 9 0.33 -5.84 7.62
N ILE A 10 0.45 -5.05 6.55
CA ILE A 10 0.74 -5.59 5.23
C ILE A 10 1.96 -4.93 4.61
N LYS A 11 3.13 -5.50 4.84
CA LYS A 11 4.37 -4.96 4.31
C LYS A 11 4.59 -5.41 2.86
N MET A 12 4.12 -4.59 1.91
CA MET A 12 4.27 -4.90 0.49
C MET A 12 5.28 -3.97 -0.16
N ASP A 13 4.84 -2.76 -0.49
CA ASP A 13 5.72 -1.78 -1.12
C ASP A 13 6.59 -1.11 -0.06
N SER A 14 5.97 -0.65 1.01
CA SER A 14 6.67 0.01 2.10
C SER A 14 5.72 0.34 3.24
N PHE A 15 4.74 -0.53 3.47
CA PHE A 15 3.77 -0.32 4.54
C PHE A 15 4.14 -1.14 5.76
N ARG A 16 4.33 -0.45 6.88
CA ARG A 16 4.68 -1.12 8.14
C ARG A 16 4.31 -0.25 9.33
N ASP A 17 3.41 -0.76 10.16
CA ASP A 17 2.95 -0.03 11.35
C ASP A 17 4.07 0.04 12.40
N VAL A 18 3.95 0.99 13.32
CA VAL A 18 4.94 1.16 14.37
C VAL A 18 4.39 0.70 15.72
N TRP A 19 5.27 0.16 16.56
CA TRP A 19 4.86 -0.30 17.88
C TRP A 19 4.83 0.85 18.87
N MET A 20 3.64 1.43 19.05
CA MET A 20 3.44 2.55 19.97
C MET A 20 2.12 3.26 19.65
N LEU A 21 2.09 3.92 18.51
CA LEU A 21 0.90 4.64 18.06
C LEU A 21 1.16 5.35 16.74
N ARG A 22 1.87 4.69 15.85
CA ARG A 22 2.19 5.26 14.54
C ARG A 22 2.09 4.20 13.45
N GLY A 23 2.56 4.54 12.25
CA GLY A 23 2.52 3.60 11.14
C GLY A 23 2.46 4.31 9.80
N LYS A 24 3.58 4.28 9.08
CA LYS A 24 3.66 4.91 7.77
C LYS A 24 3.35 3.91 6.66
N TYR A 25 2.58 4.34 5.67
CA TYR A 25 2.21 3.48 4.55
C TYR A 25 2.22 4.25 3.23
N VAL A 26 3.18 3.93 2.37
CA VAL A 26 3.30 4.58 1.08
C VAL A 26 3.63 3.56 0.00
N ALA A 27 2.99 3.70 -1.16
CA ALA A 27 3.22 2.77 -2.27
C ALA A 27 3.64 3.51 -3.54
N PHE A 28 4.49 2.86 -4.32
CA PHE A 28 4.99 3.44 -5.57
C PHE A 28 4.73 2.47 -6.73
N VAL A 29 3.88 2.88 -7.65
CA VAL A 29 3.56 2.05 -8.81
C VAL A 29 3.65 2.83 -10.11
N LEU A 30 4.22 2.20 -11.14
CA LEU A 30 4.37 2.83 -12.44
C LEU A 30 3.69 2.01 -13.53
N MET A 31 2.83 2.65 -14.30
CA MET A 31 2.11 1.96 -15.38
C MET A 31 2.82 2.16 -16.71
N GLY A 32 4.14 2.09 -16.68
CA GLY A 32 4.92 2.26 -17.90
C GLY A 32 5.17 3.73 -18.23
N GLU A 33 4.10 4.49 -18.36
CA GLU A 33 4.20 5.91 -18.68
C GLU A 33 3.68 6.76 -17.54
N SER A 34 2.50 6.42 -17.04
CA SER A 34 1.88 7.16 -15.94
C SER A 34 1.94 6.36 -14.64
N PHE A 35 2.63 6.92 -13.64
CA PHE A 35 2.75 6.26 -12.35
C PHE A 35 1.92 6.98 -11.30
N LEU A 36 1.32 6.20 -10.40
CA LEU A 36 0.50 6.76 -9.33
C LEU A 36 1.30 6.91 -8.04
N ARG A 37 1.45 8.14 -7.58
CA ARG A 37 2.20 8.42 -6.35
C ARG A 37 1.25 8.64 -5.18
N SER A 38 1.27 7.70 -4.23
CA SER A 38 0.42 7.79 -3.06
C SER A 38 1.25 8.06 -1.80
N PRO A 39 1.35 9.33 -1.37
CA PRO A 39 2.11 9.72 -0.19
C PRO A 39 1.81 8.82 1.02
N ALA A 40 2.67 8.88 2.03
CA ALA A 40 2.49 8.08 3.24
C ALA A 40 1.14 8.34 3.89
N PHE A 41 0.35 7.29 4.05
CA PHE A 41 -0.97 7.41 4.66
C PHE A 41 -0.97 6.84 6.08
N THR A 42 -2.14 6.86 6.71
CA THR A 42 -2.27 6.35 8.07
C THR A 42 -3.17 5.11 8.11
N VAL A 43 -3.22 4.39 6.99
CA VAL A 43 -4.05 3.19 6.90
C VAL A 43 -3.38 2.14 6.02
N PRO A 44 -3.04 0.96 6.58
CA PRO A 44 -2.40 -0.12 5.84
C PRO A 44 -3.37 -0.86 4.92
N GLU A 45 -4.66 -0.79 5.25
CA GLU A 45 -5.69 -1.45 4.46
C GLU A 45 -5.76 -0.87 3.05
N SER A 46 -5.77 0.45 2.96
CA SER A 46 -5.85 1.15 1.67
C SER A 46 -4.56 0.94 0.87
N ALA A 47 -3.46 0.69 1.58
CA ALA A 47 -2.17 0.48 0.93
C ALA A 47 -2.20 -0.73 0.00
N GLN A 48 -2.57 -1.88 0.55
CA GLN A 48 -2.65 -3.12 -0.22
C GLN A 48 -3.72 -3.02 -1.30
N ARG A 49 -4.79 -2.28 -1.02
CA ARG A 49 -5.88 -2.12 -1.97
C ARG A 49 -5.56 -1.04 -3.02
N TRP A 50 -4.69 -0.11 -2.66
CA TRP A 50 -4.31 0.96 -3.57
C TRP A 50 -3.23 0.51 -4.55
N ALA A 51 -2.10 0.07 -4.01
CA ALA A 51 -0.99 -0.40 -4.84
C ALA A 51 -1.43 -1.50 -5.80
N ASN A 52 -2.00 -2.56 -5.25
CA ASN A 52 -2.46 -3.69 -6.05
C ASN A 52 -3.48 -3.24 -7.10
N GLN A 53 -4.29 -2.24 -6.74
CA GLN A 53 -5.31 -1.73 -7.65
C GLN A 53 -4.69 -1.25 -8.95
N ILE A 54 -3.57 -0.54 -8.84
CA ILE A 54 -2.89 -0.01 -10.01
C ILE A 54 -2.36 -1.13 -10.90
N ARG A 55 -1.79 -2.16 -10.27
CA ARG A 55 -1.23 -3.31 -10.99
C ARG A 55 -2.25 -3.86 -11.99
N GLN A 56 -3.53 -3.68 -11.71
CA GLN A 56 -4.59 -4.16 -12.59
C GLN A 56 -4.83 -3.18 -13.74
N GLU A 57 -4.85 -1.89 -13.42
CA GLU A 57 -5.07 -0.86 -14.43
C GLU A 57 -3.80 -0.58 -15.22
N GLY A 58 -2.66 -1.01 -14.69
CA GLY A 58 -1.40 -0.79 -15.37
C GLY A 58 -1.40 -1.26 -16.81
N GLU A 59 -0.59 -0.64 -17.64
CA GLU A 59 -0.51 -0.99 -19.05
C GLU A 59 0.27 -2.29 -19.25
N VAL A 60 -0.43 -3.33 -19.68
CA VAL A 60 0.19 -4.63 -19.89
C VAL A 60 -0.53 -5.40 -21.00
N THR A 61 0.26 -6.04 -21.87
CA THR A 61 -0.30 -6.81 -22.97
C THR A 61 -0.50 -8.27 -22.59
N GLU A 62 -1.53 -8.89 -23.14
CA GLU A 62 -1.82 -10.29 -22.85
C GLU A 62 -1.58 -11.17 -24.08
N THR A 1 -9.39 1.91 20.29
CA THR A 1 -10.46 0.89 20.17
C THR A 1 -10.52 0.31 18.75
N GLU A 2 -10.62 1.19 17.76
CA GLU A 2 -10.67 0.77 16.37
C GLU A 2 -11.90 -0.09 16.12
N PRO A 3 -12.38 -0.13 14.86
CA PRO A 3 -13.56 -0.92 14.49
C PRO A 3 -13.44 -2.38 14.92
N ALA A 4 -12.37 -3.03 14.49
CA ALA A 4 -12.14 -4.43 14.83
C ALA A 4 -10.87 -4.59 15.66
N PRO A 5 -10.84 -5.58 16.57
CA PRO A 5 -9.68 -5.83 17.43
C PRO A 5 -8.39 -6.06 16.63
N PRO A 6 -8.43 -6.91 15.59
CA PRO A 6 -7.26 -7.21 14.76
C PRO A 6 -6.98 -6.11 13.75
N GLU A 7 -5.69 -5.83 13.53
CA GLU A 7 -5.29 -4.80 12.59
C GLU A 7 -4.71 -5.42 11.32
N HIS A 8 -3.79 -6.36 11.49
CA HIS A 8 -3.17 -7.05 10.36
C HIS A 8 -2.41 -6.06 9.47
N ALA A 9 -1.08 -6.15 9.50
CA ALA A 9 -0.23 -5.28 8.70
C ALA A 9 -0.02 -5.85 7.30
N ILE A 10 0.35 -4.98 6.36
CA ILE A 10 0.59 -5.41 4.99
C ILE A 10 1.82 -4.74 4.40
N LYS A 11 2.99 -5.36 4.56
CA LYS A 11 4.23 -4.80 4.05
C LYS A 11 4.56 -5.37 2.67
N MET A 12 4.11 -4.67 1.63
CA MET A 12 4.36 -5.09 0.25
C MET A 12 5.35 -4.14 -0.42
N ASP A 13 4.88 -2.96 -0.77
CA ASP A 13 5.73 -1.95 -1.41
C ASP A 13 6.60 -1.23 -0.38
N SER A 14 5.96 -0.69 0.65
CA SER A 14 6.68 0.02 1.70
C SER A 14 5.74 0.39 2.85
N PHE A 15 4.77 -0.47 3.14
CA PHE A 15 3.82 -0.23 4.21
C PHE A 15 4.18 -1.06 5.44
N ARG A 16 4.40 -0.40 6.56
CA ARG A 16 4.74 -1.09 7.81
C ARG A 16 4.49 -0.19 9.01
N ASP A 17 3.72 -0.70 9.96
CA ASP A 17 3.41 0.05 11.17
C ASP A 17 4.56 -0.04 12.18
N VAL A 18 4.34 0.49 13.37
CA VAL A 18 5.37 0.47 14.42
C VAL A 18 4.74 0.20 15.77
N TRP A 19 5.51 -0.42 16.66
CA TRP A 19 5.01 -0.73 18.00
C TRP A 19 5.16 0.49 18.90
N MET A 20 4.08 1.26 19.02
CA MET A 20 4.06 2.47 19.85
C MET A 20 2.88 3.35 19.43
N LEU A 21 2.64 3.41 18.12
CA LEU A 21 1.54 4.21 17.59
C LEU A 21 1.46 4.09 16.07
N ARG A 22 1.43 2.86 15.58
CA ARG A 22 1.35 2.61 14.15
C ARG A 22 2.48 3.29 13.40
N GLY A 23 2.61 2.98 12.11
CA GLY A 23 3.66 3.58 11.30
C GLY A 23 3.11 4.32 10.10
N LYS A 24 3.88 4.35 9.02
CA LYS A 24 3.47 5.02 7.80
C LYS A 24 3.16 4.01 6.70
N TYR A 25 2.44 4.47 5.67
CA TYR A 25 2.07 3.60 4.56
C TYR A 25 2.03 4.38 3.24
N VAL A 26 2.93 4.03 2.33
CA VAL A 26 3.00 4.68 1.02
C VAL A 26 3.40 3.69 -0.05
N ALA A 27 2.70 3.73 -1.19
CA ALA A 27 2.98 2.82 -2.30
C ALA A 27 3.61 3.54 -3.48
N PHE A 28 4.48 2.83 -4.20
CA PHE A 28 5.15 3.37 -5.37
C PHE A 28 5.13 2.36 -6.51
N VAL A 29 4.23 2.58 -7.46
CA VAL A 29 4.10 1.68 -8.61
C VAL A 29 4.52 2.36 -9.90
N LEU A 30 5.57 1.83 -10.53
CA LEU A 30 6.08 2.39 -11.78
C LEU A 30 5.15 2.04 -12.94
N MET A 31 4.88 3.02 -13.81
CA MET A 31 4.02 2.81 -14.95
C MET A 31 4.73 3.18 -16.25
N GLY A 32 4.14 2.80 -17.37
CA GLY A 32 4.74 3.09 -18.66
C GLY A 32 4.86 4.59 -18.92
N GLU A 33 3.77 5.31 -18.66
CA GLU A 33 3.75 6.75 -18.87
C GLU A 33 3.92 7.50 -17.55
N SER A 34 2.92 7.39 -16.68
CA SER A 34 2.96 8.06 -15.38
C SER A 34 2.69 7.06 -14.25
N PHE A 35 3.50 7.13 -13.20
CA PHE A 35 3.35 6.23 -12.06
C PHE A 35 2.33 6.80 -11.06
N LEU A 36 1.62 5.90 -10.38
CA LEU A 36 0.63 6.31 -9.39
C LEU A 36 1.27 6.50 -8.03
N ARG A 37 1.56 7.75 -7.68
CA ARG A 37 2.18 8.06 -6.40
C ARG A 37 1.13 8.41 -5.36
N SER A 38 1.04 7.58 -4.31
CA SER A 38 0.08 7.79 -3.24
C SER A 38 0.77 8.26 -1.97
N PRO A 39 0.50 9.50 -1.53
CA PRO A 39 1.11 10.06 -0.31
C PRO A 39 0.99 9.12 0.88
N ALA A 40 1.93 9.22 1.81
CA ALA A 40 1.92 8.38 3.00
C ALA A 40 0.64 8.57 3.80
N PHE A 41 -0.03 7.45 4.10
CA PHE A 41 -1.28 7.49 4.85
C PHE A 41 -1.12 6.80 6.20
N THR A 42 -2.16 6.89 7.03
CA THR A 42 -2.14 6.27 8.36
C THR A 42 -2.99 5.02 8.39
N VAL A 43 -3.17 4.39 7.24
CA VAL A 43 -3.97 3.17 7.15
C VAL A 43 -3.27 2.10 6.30
N PRO A 44 -3.07 0.89 6.85
CA PRO A 44 -2.41 -0.20 6.14
C PRO A 44 -3.35 -0.96 5.21
N GLU A 45 -4.65 -0.88 5.49
CA GLU A 45 -5.64 -1.58 4.68
C GLU A 45 -5.83 -0.89 3.33
N SER A 46 -5.63 0.42 3.30
CA SER A 46 -5.79 1.19 2.07
C SER A 46 -4.56 1.04 1.18
N ALA A 47 -3.40 0.83 1.79
CA ALA A 47 -2.15 0.66 1.06
C ALA A 47 -2.25 -0.51 0.08
N GLN A 48 -2.65 -1.66 0.60
CA GLN A 48 -2.78 -2.87 -0.22
C GLN A 48 -3.90 -2.71 -1.25
N ARG A 49 -4.87 -1.87 -0.94
CA ARG A 49 -6.01 -1.64 -1.83
C ARG A 49 -5.66 -0.61 -2.92
N TRP A 50 -4.69 0.24 -2.63
CA TRP A 50 -4.27 1.28 -3.57
C TRP A 50 -3.24 0.73 -4.56
N ALA A 51 -2.13 0.24 -4.04
CA ALA A 51 -1.07 -0.31 -4.88
C ALA A 51 -1.58 -1.45 -5.76
N ASN A 52 -2.17 -2.46 -5.12
CA ASN A 52 -2.70 -3.61 -5.85
C ASN A 52 -3.72 -3.17 -6.89
N GLN A 53 -4.39 -2.05 -6.65
CA GLN A 53 -5.39 -1.53 -7.56
C GLN A 53 -4.78 -1.25 -8.93
N ILE A 54 -3.62 -0.62 -8.94
CA ILE A 54 -2.93 -0.29 -10.18
C ILE A 54 -2.57 -1.54 -10.97
N ARG A 55 -2.00 -2.53 -10.29
CA ARG A 55 -1.61 -3.77 -10.92
C ARG A 55 -2.83 -4.62 -11.26
N GLN A 56 -3.84 -4.57 -10.40
CA GLN A 56 -5.07 -5.33 -10.60
C GLN A 56 -5.91 -4.72 -11.72
N GLU A 57 -6.22 -3.44 -11.60
CA GLU A 57 -7.01 -2.74 -12.60
C GLU A 57 -6.17 -2.43 -13.84
N GLY A 58 -4.90 -2.13 -13.62
CA GLY A 58 -4.01 -1.81 -14.72
C GLY A 58 -3.94 -0.33 -15.01
N GLU A 59 -5.09 0.28 -15.27
CA GLU A 59 -5.17 1.71 -15.56
C GLU A 59 -6.40 2.33 -14.94
N VAL A 60 -6.19 3.21 -13.97
CA VAL A 60 -7.30 3.88 -13.29
C VAL A 60 -7.46 5.32 -13.78
N THR A 61 -8.71 5.73 -13.99
CA THR A 61 -9.00 7.07 -14.47
C THR A 61 -8.50 8.12 -13.49
N GLU A 62 -8.79 7.92 -12.21
CA GLU A 62 -8.37 8.84 -11.16
C GLU A 62 -6.85 8.90 -11.08
N THR A 1 -18.41 3.54 23.16
CA THR A 1 -18.49 3.98 21.74
C THR A 1 -17.12 4.43 21.24
N GLU A 2 -16.34 3.48 20.72
CA GLU A 2 -15.01 3.78 20.20
C GLU A 2 -14.89 3.34 18.75
N PRO A 3 -14.19 4.13 17.91
CA PRO A 3 -14.01 3.81 16.49
C PRO A 3 -13.43 2.42 16.28
N ALA A 4 -13.66 1.86 15.10
CA ALA A 4 -13.16 0.54 14.77
C ALA A 4 -12.05 0.61 13.73
N PRO A 5 -10.81 0.88 14.17
CA PRO A 5 -9.65 0.98 13.27
C PRO A 5 -9.28 -0.37 12.65
N PRO A 6 -8.47 -0.36 11.58
CA PRO A 6 -8.03 -1.59 10.90
C PRO A 6 -7.06 -2.40 11.75
N GLU A 7 -6.95 -3.69 11.44
CA GLU A 7 -6.05 -4.57 12.17
C GLU A 7 -5.11 -5.31 11.21
N HIS A 8 -3.91 -5.61 11.69
CA HIS A 8 -2.92 -6.31 10.87
C HIS A 8 -2.51 -5.47 9.68
N ALA A 9 -1.21 -5.37 9.44
CA ALA A 9 -0.68 -4.59 8.32
C ALA A 9 -0.32 -5.50 7.14
N ILE A 10 -0.11 -4.89 5.98
CA ILE A 10 0.25 -5.64 4.78
C ILE A 10 1.48 -5.04 4.12
N LYS A 11 2.65 -5.53 4.50
CA LYS A 11 3.91 -5.03 3.94
C LYS A 11 4.18 -5.63 2.57
N MET A 12 3.74 -4.92 1.53
CA MET A 12 3.95 -5.38 0.16
C MET A 12 4.98 -4.49 -0.53
N ASP A 13 4.56 -3.28 -0.89
CA ASP A 13 5.44 -2.32 -1.55
C ASP A 13 6.35 -1.64 -0.53
N SER A 14 5.76 -1.17 0.56
CA SER A 14 6.50 -0.51 1.63
C SER A 14 5.56 -0.09 2.75
N PHE A 15 4.66 -0.99 3.13
CA PHE A 15 3.71 -0.70 4.20
C PHE A 15 4.09 -1.44 5.48
N ARG A 16 4.23 -0.68 6.57
CA ARG A 16 4.61 -1.26 7.85
C ARG A 16 4.27 -0.33 9.01
N ASP A 17 3.39 -0.79 9.90
CA ASP A 17 2.99 0.02 11.05
C ASP A 17 4.14 0.17 12.04
N VAL A 18 3.88 0.85 13.15
CA VAL A 18 4.89 1.06 14.18
C VAL A 18 4.33 0.74 15.55
N TRP A 19 5.18 0.30 16.46
CA TRP A 19 4.76 -0.03 17.80
C TRP A 19 4.67 1.22 18.68
N MET A 20 3.46 1.77 18.77
CA MET A 20 3.20 2.98 19.55
C MET A 20 1.84 3.55 19.17
N LEU A 21 1.60 3.66 17.87
CA LEU A 21 0.34 4.19 17.35
C LEU A 21 0.36 4.25 15.83
N ARG A 22 0.32 3.08 15.19
CA ARG A 22 0.34 3.00 13.74
C ARG A 22 1.66 3.51 13.17
N GLY A 23 1.99 3.07 11.97
CA GLY A 23 3.24 3.51 11.34
C GLY A 23 3.00 4.33 10.09
N LYS A 24 3.93 4.23 9.14
CA LYS A 24 3.82 4.97 7.89
C LYS A 24 3.32 4.06 6.77
N TYR A 25 2.77 4.66 5.72
CA TYR A 25 2.25 3.90 4.60
C TYR A 25 2.32 4.71 3.31
N VAL A 26 3.19 4.29 2.39
CA VAL A 26 3.34 4.97 1.12
C VAL A 26 3.51 3.97 -0.02
N ALA A 27 2.70 4.11 -1.06
CA ALA A 27 2.76 3.22 -2.21
C ALA A 27 3.43 3.88 -3.40
N PHE A 28 4.45 3.21 -3.94
CA PHE A 28 5.19 3.73 -5.09
C PHE A 28 5.00 2.82 -6.30
N VAL A 29 4.14 3.24 -7.23
CA VAL A 29 3.88 2.45 -8.43
C VAL A 29 4.16 3.26 -9.69
N LEU A 30 4.77 2.62 -10.68
CA LEU A 30 5.10 3.28 -11.94
C LEU A 30 4.59 2.46 -13.13
N MET A 31 3.72 3.05 -13.93
CA MET A 31 3.17 2.37 -15.10
C MET A 31 2.66 3.39 -16.13
N GLY A 32 3.03 3.16 -17.39
CA GLY A 32 2.62 4.06 -18.45
C GLY A 32 3.26 5.43 -18.34
N GLU A 33 2.47 6.47 -18.53
CA GLU A 33 2.98 7.84 -18.46
C GLU A 33 2.70 8.45 -17.08
N SER A 34 1.41 8.62 -16.78
CA SER A 34 1.02 9.19 -15.49
C SER A 34 0.74 8.09 -14.47
N PHE A 35 1.79 7.62 -13.82
CA PHE A 35 1.66 6.55 -12.83
C PHE A 35 0.76 7.01 -11.67
N LEU A 36 0.56 6.11 -10.71
CA LEU A 36 -0.28 6.41 -9.56
C LEU A 36 0.56 6.91 -8.39
N ARG A 37 0.41 8.18 -8.06
CA ARG A 37 1.15 8.79 -6.96
C ARG A 37 0.40 8.62 -5.65
N SER A 38 1.00 7.89 -4.70
CA SER A 38 0.39 7.66 -3.41
C SER A 38 1.32 8.11 -2.29
N PRO A 39 1.05 9.29 -1.69
CA PRO A 39 1.88 9.83 -0.60
C PRO A 39 1.76 9.00 0.67
N ALA A 40 2.55 9.38 1.69
CA ALA A 40 2.53 8.65 2.95
C ALA A 40 1.22 8.88 3.71
N PHE A 41 0.67 7.80 4.24
CA PHE A 41 -0.59 7.88 4.98
C PHE A 41 -0.52 7.03 6.24
N THR A 42 -1.66 6.88 6.92
CA THR A 42 -1.72 6.09 8.15
C THR A 42 -2.83 5.05 8.08
N VAL A 43 -2.90 4.33 6.96
CA VAL A 43 -3.92 3.30 6.78
C VAL A 43 -3.31 2.04 6.15
N PRO A 44 -3.28 0.92 6.88
CA PRO A 44 -2.73 -0.34 6.39
C PRO A 44 -3.71 -1.10 5.50
N GLU A 45 -4.99 -0.75 5.57
CA GLU A 45 -6.01 -1.41 4.78
C GLU A 45 -6.08 -0.83 3.37
N SER A 46 -5.87 0.48 3.26
CA SER A 46 -5.91 1.15 1.96
C SER A 46 -4.64 0.90 1.17
N ALA A 47 -3.53 0.71 1.88
CA ALA A 47 -2.24 0.47 1.23
C ALA A 47 -2.31 -0.74 0.30
N GLN A 48 -2.61 -1.90 0.87
CA GLN A 48 -2.69 -3.14 0.10
C GLN A 48 -3.69 -3.00 -1.06
N ARG A 49 -4.71 -2.19 -0.85
CA ARG A 49 -5.73 -1.98 -1.89
C ARG A 49 -5.35 -0.88 -2.87
N TRP A 50 -4.43 -0.01 -2.45
CA TRP A 50 -3.99 1.10 -3.29
C TRP A 50 -2.93 0.65 -4.29
N ALA A 51 -1.84 0.09 -3.79
CA ALA A 51 -0.74 -0.36 -4.65
C ALA A 51 -1.12 -1.61 -5.46
N ASN A 52 -1.52 -2.67 -4.76
CA ASN A 52 -1.88 -3.92 -5.41
C ASN A 52 -2.87 -3.69 -6.56
N GLN A 53 -3.65 -2.61 -6.47
CA GLN A 53 -4.63 -2.29 -7.50
C GLN A 53 -3.96 -1.81 -8.78
N ILE A 54 -2.88 -1.06 -8.63
CA ILE A 54 -2.14 -0.52 -9.77
C ILE A 54 -1.44 -1.64 -10.53
N ARG A 55 -0.63 -2.42 -9.82
CA ARG A 55 0.12 -3.51 -10.43
C ARG A 55 -0.83 -4.50 -11.10
N GLN A 56 -2.03 -4.63 -10.55
CA GLN A 56 -3.04 -5.54 -11.09
C GLN A 56 -3.54 -5.06 -12.45
N GLU A 57 -4.08 -3.84 -12.47
CA GLU A 57 -4.61 -3.28 -13.70
C GLU A 57 -3.48 -2.94 -14.68
N GLY A 58 -2.36 -2.46 -14.13
CA GLY A 58 -1.23 -2.11 -14.97
C GLY A 58 -0.40 -3.32 -15.36
N GLU A 59 -0.79 -3.96 -16.47
CA GLU A 59 -0.08 -5.14 -16.95
C GLU A 59 0.69 -4.81 -18.23
N VAL A 60 2.01 -4.85 -18.15
CA VAL A 60 2.88 -4.56 -19.30
C VAL A 60 2.38 -3.36 -20.09
N THR A 61 2.06 -2.28 -19.39
CA THR A 61 1.56 -1.07 -20.03
C THR A 61 2.70 -0.31 -20.70
N GLU A 62 2.78 -0.43 -22.02
CA GLU A 62 3.82 0.25 -22.79
C GLU A 62 3.25 0.86 -24.06
N THR A 1 -9.51 -4.28 23.29
CA THR A 1 -8.21 -3.93 22.66
C THR A 1 -7.88 -4.88 21.51
N GLU A 2 -8.21 -6.16 21.71
CA GLU A 2 -7.95 -7.17 20.69
C GLU A 2 -9.26 -7.60 20.01
N PRO A 3 -9.74 -6.81 19.02
CA PRO A 3 -10.97 -7.12 18.30
C PRO A 3 -10.82 -8.33 17.38
N ALA A 4 -9.72 -8.36 16.64
CA ALA A 4 -9.46 -9.47 15.71
C ALA A 4 -7.97 -9.78 15.65
N PRO A 5 -7.56 -11.00 16.04
CA PRO A 5 -6.15 -11.41 16.00
C PRO A 5 -5.48 -11.12 14.66
N PRO A 6 -6.16 -11.42 13.53
CA PRO A 6 -5.63 -11.20 12.20
C PRO A 6 -5.51 -9.72 11.84
N GLU A 7 -5.95 -8.85 12.75
CA GLU A 7 -5.90 -7.41 12.53
C GLU A 7 -4.45 -6.91 12.57
N HIS A 8 -3.66 -7.29 11.57
CA HIS A 8 -2.28 -6.88 11.48
C HIS A 8 -2.04 -6.02 10.24
N ALA A 9 -0.78 -5.66 10.02
CA ALA A 9 -0.42 -4.85 8.86
C ALA A 9 0.02 -5.71 7.68
N ILE A 10 0.19 -5.08 6.52
CA ILE A 10 0.61 -5.79 5.33
C ILE A 10 1.82 -5.13 4.70
N LYS A 11 3.01 -5.57 5.10
CA LYS A 11 4.25 -5.00 4.58
C LYS A 11 4.69 -5.72 3.30
N MET A 12 4.32 -5.16 2.16
CA MET A 12 4.69 -5.72 0.87
C MET A 12 5.74 -4.84 0.18
N ASP A 13 5.28 -3.71 -0.36
CA ASP A 13 6.17 -2.78 -1.04
C ASP A 13 6.93 -1.92 -0.02
N SER A 14 6.18 -1.28 0.88
CA SER A 14 6.76 -0.43 1.90
C SER A 14 5.69 0.02 2.89
N PHE A 15 4.93 -0.95 3.40
CA PHE A 15 3.86 -0.67 4.35
C PHE A 15 4.17 -1.26 5.73
N ARG A 16 4.12 -0.44 6.76
CA ARG A 16 4.40 -0.89 8.12
C ARG A 16 3.85 0.08 9.16
N ASP A 17 3.10 -0.45 10.14
CA ASP A 17 2.54 0.37 11.20
C ASP A 17 3.16 0.01 12.55
N VAL A 18 2.68 0.67 13.60
CA VAL A 18 3.15 0.43 14.96
C VAL A 18 2.03 -0.11 15.83
N TRP A 19 2.39 -0.91 16.83
CA TRP A 19 1.39 -1.49 17.73
C TRP A 19 1.01 -0.47 18.80
N MET A 20 -0.19 0.09 18.67
CA MET A 20 -0.68 1.10 19.60
C MET A 20 0.01 2.43 19.35
N LEU A 21 0.26 2.72 18.07
CA LEU A 21 0.93 3.97 17.68
C LEU A 21 0.81 4.23 16.18
N ARG A 22 0.61 3.17 15.39
CA ARG A 22 0.49 3.31 13.95
C ARG A 22 1.81 3.78 13.34
N GLY A 23 2.04 3.44 12.08
CA GLY A 23 3.28 3.83 11.42
C GLY A 23 3.04 4.64 10.16
N LYS A 24 3.99 4.55 9.23
CA LYS A 24 3.88 5.28 7.96
C LYS A 24 3.54 4.33 6.82
N TYR A 25 2.77 4.82 5.85
CA TYR A 25 2.37 4.01 4.71
C TYR A 25 2.40 4.82 3.42
N VAL A 26 3.13 4.32 2.43
CA VAL A 26 3.24 4.99 1.15
C VAL A 26 3.50 3.98 0.04
N ALA A 27 2.69 4.04 -1.01
CA ALA A 27 2.83 3.12 -2.14
C ALA A 27 3.44 3.81 -3.35
N PHE A 28 4.28 3.08 -4.08
CA PHE A 28 4.92 3.61 -5.27
C PHE A 28 4.74 2.66 -6.45
N VAL A 29 3.81 3.00 -7.34
CA VAL A 29 3.55 2.17 -8.51
C VAL A 29 4.03 2.84 -9.79
N LEU A 30 4.56 2.04 -10.71
CA LEU A 30 5.05 2.55 -11.98
C LEU A 30 4.48 1.75 -13.15
N MET A 31 3.52 2.35 -13.85
CA MET A 31 2.89 1.69 -14.99
C MET A 31 3.27 2.38 -16.30
N GLY A 32 4.57 2.40 -16.59
CA GLY A 32 5.03 3.03 -17.81
C GLY A 32 5.13 4.54 -17.68
N GLU A 33 4.09 5.24 -18.14
CA GLU A 33 4.07 6.69 -18.08
C GLU A 33 2.82 7.18 -17.34
N SER A 34 2.93 8.33 -16.69
CA SER A 34 1.82 8.90 -15.95
C SER A 34 1.37 7.97 -14.83
N PHE A 35 2.34 7.32 -14.18
CA PHE A 35 2.05 6.40 -13.09
C PHE A 35 1.33 7.12 -11.95
N LEU A 36 0.99 6.36 -10.90
CA LEU A 36 0.30 6.94 -9.75
C LEU A 36 1.22 7.00 -8.55
N ARG A 37 1.45 8.21 -8.05
CA ARG A 37 2.32 8.41 -6.90
C ARG A 37 1.49 8.66 -5.63
N SER A 38 1.25 7.61 -4.87
CA SER A 38 0.48 7.72 -3.64
C SER A 38 1.33 8.26 -2.50
N PRO A 39 0.91 9.37 -1.87
CA PRO A 39 1.64 9.98 -0.75
C PRO A 39 1.71 9.07 0.46
N ALA A 40 2.19 9.61 1.57
CA ALA A 40 2.30 8.85 2.81
C ALA A 40 1.02 8.93 3.63
N PHE A 41 0.23 7.87 3.59
CA PHE A 41 -1.02 7.82 4.32
C PHE A 41 -0.85 7.05 5.63
N THR A 42 -1.97 6.66 6.25
CA THR A 42 -1.93 5.93 7.50
C THR A 42 -3.00 4.83 7.53
N VAL A 43 -2.71 3.71 6.88
CA VAL A 43 -3.63 2.59 6.84
C VAL A 43 -3.03 1.41 6.07
N PRO A 44 -2.88 0.24 6.72
CA PRO A 44 -2.32 -0.94 6.08
C PRO A 44 -3.33 -1.67 5.20
N GLU A 45 -4.61 -1.48 5.50
CA GLU A 45 -5.68 -2.13 4.73
C GLU A 45 -5.75 -1.56 3.33
N SER A 46 -6.00 -0.26 3.23
CA SER A 46 -6.10 0.41 1.94
C SER A 46 -4.75 0.45 1.24
N ALA A 47 -3.67 0.31 2.00
CA ALA A 47 -2.33 0.33 1.45
C ALA A 47 -2.18 -0.70 0.33
N GLN A 48 -2.42 -1.96 0.65
CA GLN A 48 -2.29 -3.04 -0.32
C GLN A 48 -3.36 -2.91 -1.42
N ARG A 49 -4.50 -2.33 -1.07
CA ARG A 49 -5.58 -2.15 -2.02
C ARG A 49 -5.31 -0.98 -2.96
N TRP A 50 -4.56 0.00 -2.47
CA TRP A 50 -4.23 1.18 -3.26
C TRP A 50 -3.21 0.84 -4.34
N ALA A 51 -2.05 0.34 -3.92
CA ALA A 51 -0.99 -0.02 -4.85
C ALA A 51 -1.41 -1.15 -5.77
N ASN A 52 -2.36 -1.97 -5.31
CA ASN A 52 -2.85 -3.09 -6.10
C ASN A 52 -3.89 -2.64 -7.12
N GLN A 53 -4.64 -1.59 -6.77
CA GLN A 53 -5.67 -1.06 -7.66
C GLN A 53 -5.06 -0.59 -8.98
N ILE A 54 -3.95 0.12 -8.91
CA ILE A 54 -3.27 0.62 -10.10
C ILE A 54 -2.78 -0.53 -10.97
N ARG A 55 -2.20 -1.54 -10.34
CA ARG A 55 -1.68 -2.70 -11.06
C ARG A 55 -2.78 -3.39 -11.86
N GLN A 56 -4.01 -3.28 -11.37
CA GLN A 56 -5.16 -3.90 -12.05
C GLN A 56 -5.50 -3.16 -13.33
N GLU A 57 -5.23 -1.86 -13.36
CA GLU A 57 -5.51 -1.04 -14.52
C GLU A 57 -4.25 -0.80 -15.35
N GLY A 58 -3.09 -0.97 -14.72
CA GLY A 58 -1.83 -0.76 -15.41
C GLY A 58 -1.74 -1.55 -16.71
N GLU A 59 -1.79 -0.84 -17.83
CA GLU A 59 -1.70 -1.48 -19.14
C GLU A 59 -1.12 -0.53 -20.18
N VAL A 60 0.20 -0.47 -20.23
CA VAL A 60 0.88 0.41 -21.19
C VAL A 60 1.37 -0.38 -22.40
N THR A 61 1.19 0.21 -23.58
CA THR A 61 1.60 -0.44 -24.83
C THR A 61 2.92 0.14 -25.32
N GLU A 62 3.76 0.55 -24.39
CA GLU A 62 5.06 1.12 -24.74
C GLU A 62 6.12 0.71 -23.72
N THR A 1 2.42 0.47 20.81
CA THR A 1 1.22 -0.05 21.53
C THR A 1 1.02 0.68 22.85
N GLU A 2 0.09 1.63 22.86
CA GLU A 2 -0.21 2.40 24.06
C GLU A 2 -1.41 3.32 23.85
N PRO A 3 -1.28 4.30 22.93
CA PRO A 3 -2.36 5.25 22.63
C PRO A 3 -3.61 4.55 22.11
N ALA A 4 -3.57 4.13 20.84
CA ALA A 4 -4.70 3.45 20.23
C ALA A 4 -4.39 3.08 18.78
N PRO A 5 -3.32 2.30 18.55
CA PRO A 5 -2.91 1.87 17.21
C PRO A 5 -3.87 0.85 16.61
N PRO A 6 -3.72 0.53 15.32
CA PRO A 6 -4.58 -0.43 14.63
C PRO A 6 -4.34 -1.87 15.11
N GLU A 7 -5.01 -2.81 14.46
CA GLU A 7 -4.88 -4.22 14.83
C GLU A 7 -3.54 -4.79 14.35
N HIS A 8 -3.30 -4.67 13.04
CA HIS A 8 -2.06 -5.16 12.45
C HIS A 8 -1.76 -4.44 11.14
N ALA A 9 -0.51 -4.53 10.69
CA ALA A 9 -0.10 -3.89 9.46
C ALA A 9 0.12 -4.92 8.35
N ILE A 10 0.12 -4.45 7.11
CA ILE A 10 0.32 -5.33 5.96
C ILE A 10 1.51 -4.87 5.12
N LYS A 11 2.62 -5.61 5.21
CA LYS A 11 3.83 -5.26 4.47
C LYS A 11 3.90 -6.02 3.15
N MET A 12 3.37 -5.41 2.09
CA MET A 12 3.39 -6.01 0.77
C MET A 12 4.37 -5.26 -0.13
N ASP A 13 3.97 -4.08 -0.57
CA ASP A 13 4.80 -3.25 -1.43
C ASP A 13 5.84 -2.51 -0.59
N SER A 14 5.38 -1.86 0.47
CA SER A 14 6.25 -1.10 1.37
C SER A 14 5.45 -0.41 2.46
N PHE A 15 4.53 -1.16 3.07
CA PHE A 15 3.69 -0.61 4.14
C PHE A 15 3.90 -1.37 5.44
N ARG A 16 4.30 -0.66 6.49
CA ARG A 16 4.51 -1.27 7.79
C ARG A 16 4.50 -0.23 8.91
N ASP A 17 3.74 -0.51 9.95
CA ASP A 17 3.63 0.40 11.09
C ASP A 17 4.99 0.57 11.76
N VAL A 18 4.99 1.26 12.91
CA VAL A 18 6.23 1.49 13.65
C VAL A 18 6.15 0.88 15.04
N TRP A 19 7.23 0.21 15.44
CA TRP A 19 7.27 -0.44 16.75
C TRP A 19 7.65 0.57 17.83
N MET A 20 6.63 1.13 18.49
CA MET A 20 6.80 2.12 19.56
C MET A 20 5.49 2.88 19.77
N LEU A 21 5.06 3.60 18.74
CA LEU A 21 3.83 4.37 18.79
C LEU A 21 3.71 5.27 17.56
N ARG A 22 4.08 4.73 16.41
CA ARG A 22 4.02 5.48 15.15
C ARG A 22 3.46 4.60 14.03
N GLY A 23 3.43 5.14 12.81
CA GLY A 23 2.92 4.39 11.69
C GLY A 23 2.99 5.17 10.39
N LYS A 24 3.36 4.49 9.31
CA LYS A 24 3.47 5.12 8.00
C LYS A 24 3.27 4.09 6.90
N TYR A 25 2.49 4.46 5.88
CA TYR A 25 2.22 3.57 4.77
C TYR A 25 2.17 4.34 3.45
N VAL A 26 3.14 4.06 2.58
CA VAL A 26 3.20 4.72 1.28
C VAL A 26 3.35 3.69 0.16
N ALA A 27 2.75 3.98 -0.99
CA ALA A 27 2.81 3.06 -2.13
C ALA A 27 3.42 3.73 -3.36
N PHE A 28 4.22 2.98 -4.10
CA PHE A 28 4.86 3.48 -5.30
C PHE A 28 4.52 2.59 -6.50
N VAL A 29 3.70 3.10 -7.40
CA VAL A 29 3.30 2.35 -8.58
C VAL A 29 3.60 3.13 -9.87
N LEU A 30 4.23 2.46 -10.82
CA LEU A 30 4.57 3.08 -12.10
C LEU A 30 3.96 2.31 -13.26
N MET A 31 3.34 3.04 -14.18
CA MET A 31 2.71 2.42 -15.34
C MET A 31 3.40 2.88 -16.63
N GLY A 32 2.89 2.42 -17.77
CA GLY A 32 3.47 2.80 -19.05
C GLY A 32 2.95 4.12 -19.56
N GLU A 33 3.03 5.15 -18.74
CA GLU A 33 2.56 6.49 -19.12
C GLU A 33 2.77 7.48 -17.99
N SER A 34 2.02 7.29 -16.90
CA SER A 34 2.11 8.18 -15.75
C SER A 34 1.97 7.39 -14.44
N PHE A 35 3.03 7.36 -13.65
CA PHE A 35 3.02 6.64 -12.39
C PHE A 35 2.12 7.35 -11.37
N LEU A 36 1.37 6.57 -10.60
CA LEU A 36 0.49 7.13 -9.59
C LEU A 36 1.24 7.43 -8.30
N ARG A 37 1.21 8.68 -7.88
CA ARG A 37 1.89 9.10 -6.66
C ARG A 37 0.92 9.14 -5.48
N SER A 38 1.21 8.32 -4.47
CA SER A 38 0.37 8.26 -3.28
C SER A 38 1.17 8.65 -2.04
N PRO A 39 0.80 9.75 -1.36
CA PRO A 39 1.49 10.21 -0.17
C PRO A 39 1.36 9.24 0.99
N ALA A 40 2.29 9.32 1.95
CA ALA A 40 2.28 8.44 3.11
C ALA A 40 0.96 8.56 3.87
N PHE A 41 0.34 7.41 4.15
CA PHE A 41 -0.93 7.39 4.87
C PHE A 41 -0.77 6.71 6.23
N THR A 42 -1.88 6.55 6.94
CA THR A 42 -1.86 5.92 8.25
C THR A 42 -2.75 4.69 8.28
N VAL A 43 -2.92 4.05 7.12
CA VAL A 43 -3.75 2.85 7.02
C VAL A 43 -3.15 1.86 6.03
N PRO A 44 -2.72 0.68 6.50
CA PRO A 44 -2.12 -0.35 5.64
C PRO A 44 -3.17 -1.14 4.86
N GLU A 45 -4.43 -1.06 5.31
CA GLU A 45 -5.53 -1.76 4.64
C GLU A 45 -5.63 -1.35 3.19
N SER A 46 -5.96 -0.07 2.97
CA SER A 46 -6.10 0.46 1.61
C SER A 46 -4.75 0.52 0.90
N ALA A 47 -3.67 0.53 1.67
CA ALA A 47 -2.33 0.60 1.11
C ALA A 47 -2.11 -0.48 0.05
N GLN A 48 -2.22 -1.74 0.45
CA GLN A 48 -2.04 -2.85 -0.47
C GLN A 48 -3.04 -2.78 -1.62
N ARG A 49 -4.29 -2.47 -1.29
CA ARG A 49 -5.35 -2.37 -2.29
C ARG A 49 -5.11 -1.19 -3.24
N TRP A 50 -4.30 -0.23 -2.80
CA TRP A 50 -3.99 0.93 -3.61
C TRP A 50 -2.95 0.61 -4.68
N ALA A 51 -1.83 0.03 -4.26
CA ALA A 51 -0.75 -0.32 -5.17
C ALA A 51 -1.13 -1.50 -6.06
N ASN A 52 -1.59 -2.59 -5.43
CA ASN A 52 -1.98 -3.79 -6.16
C ASN A 52 -3.01 -3.47 -7.24
N GLN A 53 -3.74 -2.38 -7.07
CA GLN A 53 -4.76 -1.97 -8.04
C GLN A 53 -4.11 -1.40 -9.29
N ILE A 54 -3.19 -0.46 -9.10
CA ILE A 54 -2.50 0.18 -10.22
C ILE A 54 -1.75 -0.85 -11.06
N ARG A 55 -1.13 -1.82 -10.39
CA ARG A 55 -0.37 -2.87 -11.07
C ARG A 55 -1.14 -3.42 -12.27
N GLN A 56 -2.41 -3.78 -12.05
CA GLN A 56 -3.26 -4.32 -13.10
C GLN A 56 -3.93 -3.20 -13.89
N GLU A 57 -4.12 -2.06 -13.23
CA GLU A 57 -4.75 -0.91 -13.87
C GLU A 57 -3.75 -0.10 -14.70
N GLY A 58 -2.51 -0.56 -14.74
CA GLY A 58 -1.48 0.15 -15.49
C GLY A 58 -1.67 0.05 -16.99
N GLU A 59 -1.78 1.21 -17.64
CA GLU A 59 -1.96 1.26 -19.09
C GLU A 59 -3.31 0.66 -19.51
N VAL A 60 -4.33 0.91 -18.71
CA VAL A 60 -5.67 0.39 -19.00
C VAL A 60 -6.75 1.35 -18.50
N THR A 61 -7.82 1.49 -19.27
CA THR A 61 -8.92 2.38 -18.91
C THR A 61 -10.18 2.05 -19.70
N GLU A 62 -10.01 1.84 -21.00
CA GLU A 62 -11.14 1.54 -21.88
C GLU A 62 -11.01 0.12 -22.45
N THR A 1 -3.31 -13.14 18.31
CA THR A 1 -2.38 -13.40 19.45
C THR A 1 -2.48 -12.29 20.50
N GLU A 2 -2.00 -12.59 21.71
CA GLU A 2 -2.03 -11.62 22.80
C GLU A 2 -3.47 -11.26 23.18
N PRO A 3 -3.76 -11.16 24.48
CA PRO A 3 -5.11 -10.83 24.96
C PRO A 3 -5.48 -9.37 24.69
N ALA A 4 -5.61 -9.03 23.40
CA ALA A 4 -5.96 -7.67 23.00
C ALA A 4 -6.22 -7.60 21.51
N PRO A 5 -6.84 -6.51 21.04
CA PRO A 5 -7.15 -6.32 19.61
C PRO A 5 -5.90 -6.39 18.74
N PRO A 6 -5.74 -7.49 17.97
CA PRO A 6 -4.58 -7.68 17.10
C PRO A 6 -4.65 -6.82 15.84
N GLU A 7 -3.53 -6.71 15.14
CA GLU A 7 -3.45 -5.92 13.92
C GLU A 7 -2.84 -6.74 12.78
N HIS A 8 -3.39 -6.59 11.59
CA HIS A 8 -2.90 -7.32 10.42
C HIS A 8 -2.37 -6.35 9.36
N ALA A 9 -1.16 -5.84 9.57
CA ALA A 9 -0.55 -4.91 8.63
C ALA A 9 -0.28 -5.61 7.30
N ILE A 10 0.18 -4.84 6.31
CA ILE A 10 0.47 -5.39 5.00
C ILE A 10 1.71 -4.75 4.39
N LYS A 11 2.87 -5.34 4.65
CA LYS A 11 4.13 -4.81 4.13
C LYS A 11 4.44 -5.40 2.75
N MET A 12 3.99 -4.70 1.70
CA MET A 12 4.22 -5.15 0.34
C MET A 12 5.24 -4.24 -0.35
N ASP A 13 4.79 -3.04 -0.72
CA ASP A 13 5.65 -2.07 -1.39
C ASP A 13 6.55 -1.37 -0.38
N SER A 14 5.95 -0.85 0.69
CA SER A 14 6.71 -0.15 1.72
C SER A 14 5.83 0.23 2.89
N PHE A 15 4.89 -0.66 3.23
CA PHE A 15 3.98 -0.41 4.36
C PHE A 15 4.44 -1.16 5.61
N ARG A 16 4.60 -0.43 6.70
CA ARG A 16 5.04 -1.03 7.96
C ARG A 16 4.71 -0.11 9.13
N ASP A 17 3.86 -0.57 10.04
CA ASP A 17 3.48 0.22 11.20
C ASP A 17 4.38 -0.10 12.40
N VAL A 18 4.29 0.73 13.44
CA VAL A 18 5.10 0.53 14.64
C VAL A 18 4.27 0.65 15.90
N TRP A 19 4.54 -0.21 16.89
CA TRP A 19 3.80 -0.18 18.14
C TRP A 19 4.38 0.88 19.08
N MET A 20 3.75 2.05 19.08
CA MET A 20 4.17 3.16 19.92
C MET A 20 3.60 4.47 19.37
N LEU A 21 4.12 4.89 18.22
CA LEU A 21 3.67 6.11 17.57
C LEU A 21 4.43 6.35 16.27
N ARG A 22 4.72 5.26 15.57
CA ARG A 22 5.44 5.34 14.31
C ARG A 22 4.75 4.47 13.26
N GLY A 23 5.34 4.39 12.08
CA GLY A 23 4.75 3.58 11.02
C GLY A 23 4.04 4.42 9.98
N LYS A 24 4.43 4.25 8.72
CA LYS A 24 3.82 4.98 7.63
C LYS A 24 3.51 4.05 6.46
N TYR A 25 2.33 4.22 5.87
CA TYR A 25 1.92 3.39 4.74
C TYR A 25 1.92 4.20 3.45
N VAL A 26 2.86 3.88 2.55
CA VAL A 26 2.97 4.58 1.28
C VAL A 26 3.23 3.58 0.15
N ALA A 27 2.62 3.81 -1.01
CA ALA A 27 2.78 2.93 -2.15
C ALA A 27 3.44 3.63 -3.33
N PHE A 28 4.29 2.90 -4.04
CA PHE A 28 4.99 3.43 -5.20
C PHE A 28 4.94 2.44 -6.36
N VAL A 29 4.10 2.72 -7.34
CA VAL A 29 3.96 1.83 -8.50
C VAL A 29 4.46 2.50 -9.77
N LEU A 30 5.47 1.90 -10.39
CA LEU A 30 6.04 2.43 -11.63
C LEU A 30 5.59 1.61 -12.83
N MET A 31 4.74 2.20 -13.66
CA MET A 31 4.23 1.53 -14.85
C MET A 31 5.00 1.96 -16.09
N GLY A 32 6.30 2.17 -15.94
CA GLY A 32 7.13 2.60 -17.05
C GLY A 32 6.88 4.04 -17.44
N GLU A 33 5.67 4.33 -17.91
CA GLU A 33 5.30 5.68 -18.32
C GLU A 33 4.23 6.25 -17.41
N SER A 34 4.56 7.34 -16.73
CA SER A 34 3.62 7.99 -15.82
C SER A 34 3.22 7.05 -14.68
N PHE A 35 3.99 7.10 -13.60
CA PHE A 35 3.71 6.25 -12.44
C PHE A 35 2.66 6.88 -11.53
N LEU A 36 2.01 6.06 -10.73
CA LEU A 36 0.98 6.53 -9.81
C LEU A 36 1.45 6.44 -8.36
N ARG A 37 1.91 7.57 -7.82
CA ARG A 37 2.39 7.61 -6.45
C ARG A 37 1.37 8.26 -5.54
N SER A 38 1.05 7.59 -4.44
CA SER A 38 0.08 8.12 -3.48
C SER A 38 0.77 8.49 -2.17
N PRO A 39 0.42 9.66 -1.58
CA PRO A 39 1.01 10.11 -0.32
C PRO A 39 0.92 9.05 0.78
N ALA A 40 1.73 9.22 1.82
CA ALA A 40 1.74 8.27 2.93
C ALA A 40 0.37 8.20 3.59
N PHE A 41 -0.36 7.13 3.29
CA PHE A 41 -1.70 6.93 3.85
C PHE A 41 -1.62 6.71 5.36
N THR A 42 -2.77 6.43 5.97
CA THR A 42 -2.83 6.20 7.41
C THR A 42 -3.51 4.87 7.74
N VAL A 43 -3.49 3.94 6.79
CA VAL A 43 -4.11 2.64 7.01
C VAL A 43 -3.36 1.53 6.30
N PRO A 44 -3.08 0.41 7.00
CA PRO A 44 -2.39 -0.73 6.41
C PRO A 44 -3.32 -1.57 5.56
N GLU A 45 -4.63 -1.36 5.73
CA GLU A 45 -5.64 -2.09 4.98
C GLU A 45 -5.87 -1.46 3.60
N SER A 46 -6.26 -0.19 3.60
CA SER A 46 -6.52 0.51 2.35
C SER A 46 -5.22 0.70 1.56
N ALA A 47 -4.11 0.77 2.27
CA ALA A 47 -2.80 0.93 1.64
C ALA A 47 -2.61 -0.04 0.49
N GLN A 48 -2.63 -1.33 0.80
CA GLN A 48 -2.46 -2.37 -0.20
C GLN A 48 -3.53 -2.27 -1.29
N ARG A 49 -4.69 -1.73 -0.93
CA ARG A 49 -5.79 -1.57 -1.88
C ARG A 49 -5.45 -0.53 -2.95
N TRP A 50 -4.63 0.45 -2.57
CA TRP A 50 -4.23 1.51 -3.50
C TRP A 50 -3.19 1.00 -4.48
N ALA A 51 -2.07 0.51 -3.96
CA ALA A 51 -0.99 0.00 -4.81
C ALA A 51 -1.48 -1.13 -5.70
N ASN A 52 -2.17 -2.10 -5.10
CA ASN A 52 -2.69 -3.25 -5.83
C ASN A 52 -3.66 -2.80 -6.92
N GLN A 53 -4.35 -1.68 -6.67
CA GLN A 53 -5.31 -1.15 -7.63
C GLN A 53 -4.64 -0.83 -8.96
N ILE A 54 -3.45 -0.24 -8.90
CA ILE A 54 -2.71 0.12 -10.08
C ILE A 54 -2.24 -1.11 -10.84
N ARG A 55 -1.45 -1.95 -10.16
CA ARG A 55 -0.93 -3.17 -10.76
C ARG A 55 -2.07 -4.07 -11.27
N GLN A 56 -3.26 -3.89 -10.70
CA GLN A 56 -4.42 -4.69 -11.09
C GLN A 56 -4.69 -4.57 -12.59
N GLU A 57 -4.52 -3.36 -13.12
CA GLU A 57 -4.74 -3.12 -14.54
C GLU A 57 -3.42 -2.84 -15.26
N GLY A 58 -2.46 -2.27 -14.53
CA GLY A 58 -1.17 -1.97 -15.12
C GLY A 58 -0.49 -3.20 -15.70
N GLU A 59 0.65 -2.98 -16.36
CA GLU A 59 1.40 -4.07 -16.97
C GLU A 59 0.56 -4.78 -18.04
N VAL A 60 -0.03 -3.99 -18.93
CA VAL A 60 -0.86 -4.54 -20.01
C VAL A 60 -0.59 -3.82 -21.32
N THR A 61 -0.83 -4.52 -22.42
CA THR A 61 -0.61 -3.95 -23.75
C THR A 61 0.86 -3.58 -23.96
N GLU A 62 1.59 -4.47 -24.62
CA GLU A 62 3.01 -4.24 -24.88
C GLU A 62 3.20 -3.52 -26.21
#